data_7GA4
#
_entry.id   7GA4
#
_cell.length_a   53.832
_cell.length_b   69.528
_cell.length_c   57.615
_cell.angle_alpha   90.000
_cell.angle_beta   92.820
_cell.angle_gamma   90.000
#
_symmetry.space_group_name_H-M   'P 1 21 1'
#
loop_
_entity.id
_entity.type
_entity.pdbx_description
1 polymer 'Serine protease NS3'
2 non-polymer 1,2-ETHANEDIOL
3 non-polymer 'PHOSPHATE ION'
4 non-polymer (4S)-2-METHYL-2,4-PENTANEDIOL
5 non-polymer "ethyl N'-(4-ethylphenyl)-N-methylcarbamimidothioate"
6 water water
#
_entity_poly.entity_id   1
_entity_poly.type   'polypeptide(L)'
_entity_poly.pdbx_seq_one_letter_code
;MLKKKQLTVLDLHPGAGKTRRVLPEIVREAIKKRLRTVILAPTRVVAAEMEEALRGLPVRYMTTAVNVTHSGTEIVDLMC
HATFTSRLLQPIRVPNYNLNIMDEAHFTDPSSIAARGYISTRVEMGEAAAIFMTATPPGTRDAFPDSNSPIMDTEVEVPE
RAWSSGFDWVTDHSGKTVWFVPSVRNGNEIAACLTKAGKRVIQLSRKTFETEFQKTKNQEWDFVITTDISEMGANFKADR
VIDSRRCLKPVILDGERVILAGPMPVTHASAAQRRGRIGRNPNKPGDEYMYGGGCAETDEGHAHWLEARMLLDNIYLQDG
LIASLYRPEADKVAAIEGEFKLRTEQRKTFVELMKRGDLPVWLAYQVASAGITYTDRRWCFDGTTNNTIMEDSVPAEVWT
KYGEKRVLKPRWMDARVCSDHAALKSFKEFAAGKR
;
_entity_poly.pdbx_strand_id   A
#
# COMPACT_ATOMS: atom_id res chain seq x y z
N MET A 1 -19.47 12.08 16.48
CA MET A 1 -18.32 11.21 16.20
C MET A 1 -17.19 11.44 17.21
N LEU A 2 -16.97 12.71 17.58
CA LEU A 2 -15.84 13.16 18.39
C LEU A 2 -16.02 13.00 19.90
N LYS A 3 -16.19 11.74 20.37
CA LYS A 3 -16.33 11.42 21.78
C LYS A 3 -15.60 10.11 22.08
N LYS A 4 -14.90 10.02 23.25
CA LYS A 4 -14.15 8.81 23.67
C LYS A 4 -14.93 7.53 23.41
N LYS A 5 -14.23 6.42 23.13
CA LYS A 5 -14.88 5.19 22.63
C LYS A 5 -15.47 5.54 21.22
N GLN A 6 -16.08 4.61 20.51
CA GLN A 6 -16.63 4.92 19.18
C GLN A 6 -15.60 5.10 18.04
N LEU A 7 -15.70 4.18 17.13
CA LEU A 7 -14.99 4.14 15.87
C LEU A 7 -16.12 4.33 14.87
N THR A 8 -16.01 5.35 14.05
CA THR A 8 -16.99 5.62 13.01
C THR A 8 -16.39 5.28 11.65
N VAL A 9 -17.15 4.58 10.80
CA VAL A 9 -16.70 4.28 9.46
C VAL A 9 -17.44 5.25 8.52
N LEU A 10 -16.72 6.22 7.94
CA LEU A 10 -17.34 7.17 7.00
C LEU A 10 -17.24 6.49 5.61
N ASP A 11 -18.35 5.86 5.18
CA ASP A 11 -18.34 5.08 3.96
C ASP A 11 -19.08 5.73 2.77
N LEU A 12 -18.92 7.05 2.59
CA LEU A 12 -19.50 7.72 1.41
C LEU A 12 -18.84 7.14 0.12
N HIS A 13 -19.60 7.07 -0.99
CA HIS A 13 -19.12 6.51 -2.25
C HIS A 13 -17.84 7.20 -2.77
N PRO A 14 -17.05 6.55 -3.66
CA PRO A 14 -15.83 7.20 -4.18
C PRO A 14 -16.15 8.54 -4.88
N GLY A 15 -15.46 9.59 -4.47
CA GLY A 15 -15.70 10.92 -5.04
C GLY A 15 -16.78 11.74 -4.35
N ALA A 16 -17.34 11.23 -3.23
CA ALA A 16 -18.40 11.96 -2.51
C ALA A 16 -17.91 13.19 -1.75
N GLY A 17 -16.60 13.32 -1.54
CA GLY A 17 -16.05 14.49 -0.86
C GLY A 17 -15.52 14.23 0.53
N LYS A 18 -15.11 12.98 0.81
CA LYS A 18 -14.57 12.67 2.14
C LYS A 18 -13.32 13.50 2.46
N THR A 19 -12.36 13.56 1.54
CA THR A 19 -11.11 14.29 1.77
C THR A 19 -11.22 15.82 1.65
N ARG A 20 -11.91 16.35 0.62
CA ARG A 20 -11.97 17.80 0.43
C ARG A 20 -13.11 18.50 1.16
N ARG A 21 -14.18 17.79 1.51
CA ARG A 21 -15.33 18.43 2.18
C ARG A 21 -15.52 17.97 3.64
N VAL A 22 -15.61 16.66 3.90
CA VAL A 22 -15.85 16.17 5.26
C VAL A 22 -14.61 16.34 6.18
N LEU A 23 -13.44 15.90 5.74
CA LEU A 23 -12.20 16.03 6.53
C LEU A 23 -11.96 17.45 7.13
N PRO A 24 -12.05 18.59 6.38
CA PRO A 24 -11.84 19.90 7.03
C PRO A 24 -12.86 20.22 8.13
N GLU A 25 -14.14 19.84 7.94
CA GLU A 25 -15.19 20.03 8.94
C GLU A 25 -14.83 19.28 10.24
N ILE A 26 -14.39 18.01 10.13
CA ILE A 26 -13.98 17.22 11.28
C ILE A 26 -12.79 17.89 12.01
N VAL A 27 -11.80 18.36 11.24
CA VAL A 27 -10.61 19.03 11.80
C VAL A 27 -10.95 20.32 12.54
N ARG A 28 -11.87 21.12 12.00
CA ARG A 28 -12.30 22.36 12.66
C ARG A 28 -12.95 22.04 14.00
N GLU A 29 -13.84 21.04 14.02
CA GLU A 29 -14.52 20.61 15.24
C GLU A 29 -13.50 20.07 16.25
N ALA A 30 -12.53 19.29 15.80
CA ALA A 30 -11.50 18.72 16.70
C ALA A 30 -10.64 19.78 17.39
N ILE A 31 -10.24 20.81 16.63
CA ILE A 31 -9.45 21.93 17.11
C ILE A 31 -10.31 22.74 18.13
N LYS A 32 -11.61 23.01 17.80
CA LYS A 32 -12.57 23.71 18.69
C LYS A 32 -12.69 22.97 20.04
N LYS A 33 -12.63 21.63 20.04
CA LYS A 33 -12.73 20.80 21.23
C LYS A 33 -11.42 20.43 21.90
N ARG A 34 -10.27 20.98 21.41
CA ARG A 34 -8.93 20.71 21.92
C ARG A 34 -8.59 19.23 21.93
N LEU A 35 -8.99 18.52 20.90
CA LEU A 35 -8.67 17.11 20.76
C LEU A 35 -7.34 17.01 20.03
N ARG A 36 -6.33 16.36 20.66
CA ARG A 36 -5.03 16.10 20.05
C ARG A 36 -5.32 15.08 18.93
N THR A 37 -5.17 15.50 17.67
CA THR A 37 -5.59 14.70 16.52
C THR A 37 -4.48 14.26 15.55
N VAL A 38 -4.62 13.05 14.98
CA VAL A 38 -3.71 12.57 13.95
C VAL A 38 -4.54 12.24 12.71
N ILE A 39 -4.07 12.71 11.55
CA ILE A 39 -4.62 12.47 10.21
C ILE A 39 -3.62 11.57 9.46
N LEU A 40 -4.05 10.37 9.11
CA LEU A 40 -3.23 9.39 8.44
C LEU A 40 -3.52 9.31 6.93
N ALA A 41 -2.53 9.71 6.11
CA ALA A 41 -2.61 9.70 4.64
C ALA A 41 -1.99 8.40 4.11
N PRO A 42 -2.57 7.74 3.10
CA PRO A 42 -1.95 6.47 2.61
C PRO A 42 -0.58 6.70 1.95
N THR A 43 -0.45 7.79 1.17
CA THR A 43 0.75 8.13 0.40
C THR A 43 1.12 9.63 0.56
N ARG A 44 2.34 9.98 0.10
CA ARG A 44 2.80 11.36 0.12
CA ARG A 44 2.81 11.36 0.12
C ARG A 44 1.99 12.21 -0.85
N VAL A 45 1.46 11.61 -1.94
CA VAL A 45 0.63 12.29 -2.92
C VAL A 45 -0.68 12.72 -2.26
N VAL A 46 -1.28 11.83 -1.43
CA VAL A 46 -2.52 12.18 -0.73
C VAL A 46 -2.22 13.23 0.35
N ALA A 47 -1.07 13.13 1.04
CA ALA A 47 -0.66 14.12 2.03
C ALA A 47 -0.62 15.54 1.43
N ALA A 48 -0.10 15.67 0.19
CA ALA A 48 -0.04 16.95 -0.55
C ALA A 48 -1.44 17.46 -0.91
N GLU A 49 -2.34 16.57 -1.30
CA GLU A 49 -3.73 16.97 -1.61
C GLU A 49 -4.51 17.39 -0.36
N MET A 50 -4.18 16.76 0.77
CA MET A 50 -4.79 17.08 2.05
C MET A 50 -4.36 18.45 2.53
N GLU A 51 -3.09 18.85 2.28
CA GLU A 51 -2.65 20.20 2.66
C GLU A 51 -3.47 21.26 1.91
N GLU A 52 -3.76 21.00 0.64
CA GLU A 52 -4.55 21.92 -0.18
C GLU A 52 -5.98 22.07 0.39
N ALA A 53 -6.62 20.96 0.80
CA ALA A 53 -7.97 21.02 1.36
C ALA A 53 -8.01 21.61 2.78
N LEU A 54 -6.88 21.51 3.51
CA LEU A 54 -6.81 21.99 4.88
C LEU A 54 -6.07 23.33 5.02
N ARG A 55 -5.70 23.98 3.92
CA ARG A 55 -4.95 25.24 3.95
C ARG A 55 -5.61 26.30 4.85
N GLY A 56 -4.81 26.92 5.72
CA GLY A 56 -5.29 27.90 6.68
C GLY A 56 -5.36 27.29 8.07
N LEU A 57 -5.88 26.04 8.16
CA LEU A 57 -6.02 25.33 9.42
C LEU A 57 -4.68 25.01 10.03
N PRO A 58 -4.56 25.11 11.34
CA PRO A 58 -3.27 24.81 11.98
C PRO A 58 -2.98 23.31 12.05
N VAL A 59 -2.33 22.79 11.01
CA VAL A 59 -1.97 21.37 10.95
C VAL A 59 -0.46 21.25 10.77
N ARG A 60 0.17 20.37 11.58
CA ARG A 60 1.58 20.08 11.55
C ARG A 60 1.82 18.87 10.61
N TYR A 61 2.44 19.13 9.46
CA TYR A 61 2.71 18.15 8.42
C TYR A 61 4.02 17.43 8.69
N MET A 62 3.93 16.20 9.17
CA MET A 62 5.09 15.39 9.51
C MET A 62 5.52 14.56 8.32
N THR A 63 5.79 15.25 7.20
CA THR A 63 6.19 14.70 5.91
C THR A 63 6.96 15.75 5.11
N THR A 64 8.02 15.32 4.37
CA THR A 64 8.74 16.26 3.50
C THR A 64 8.02 16.51 2.17
N ALA A 65 6.86 15.87 1.93
CA ALA A 65 6.07 16.08 0.72
C ALA A 65 5.33 17.43 0.71
N VAL A 66 5.31 18.13 1.85
CA VAL A 66 4.68 19.43 2.05
C VAL A 66 5.77 20.42 2.53
N ASN A 67 5.83 21.64 1.94
CA ASN A 67 6.81 22.64 2.35
C ASN A 67 6.12 23.73 3.13
N VAL A 68 5.97 23.54 4.45
CA VAL A 68 5.28 24.53 5.27
C VAL A 68 6.11 24.99 6.48
N THR A 69 6.02 26.29 6.78
CA THR A 69 6.70 26.85 7.94
C THR A 69 5.71 26.82 9.11
N HIS A 70 5.81 25.79 9.96
CA HIS A 70 4.92 25.60 11.11
C HIS A 70 5.05 26.69 12.19
N SER A 71 4.01 26.81 13.04
CA SER A 71 4.00 27.78 14.13
C SER A 71 4.40 27.17 15.48
N GLY A 72 4.28 25.85 15.61
CA GLY A 72 4.59 25.17 16.86
C GLY A 72 3.39 25.01 17.78
N THR A 73 2.27 25.65 17.46
CA THR A 73 1.06 25.58 18.28
C THR A 73 -0.04 24.67 17.69
N GLU A 74 0.31 23.82 16.72
CA GLU A 74 -0.66 22.90 16.14
C GLU A 74 -0.97 21.77 17.12
N ILE A 75 -2.24 21.38 17.25
CA ILE A 75 -2.61 20.19 18.01
C ILE A 75 -3.11 19.06 17.05
N VAL A 76 -3.04 19.28 15.71
CA VAL A 76 -3.38 18.30 14.68
C VAL A 76 -2.10 17.95 13.91
N ASP A 77 -1.76 16.67 13.87
CA ASP A 77 -0.60 16.19 13.14
C ASP A 77 -1.10 15.42 11.91
N LEU A 78 -0.36 15.49 10.84
CA LEU A 78 -0.67 14.75 9.63
C LEU A 78 0.56 13.95 9.22
N MET A 79 0.38 12.64 9.04
CA MET A 79 1.46 11.79 8.60
C MET A 79 0.95 10.62 7.77
N CYS A 80 1.84 9.93 7.06
CA CYS A 80 1.45 8.75 6.28
C CYS A 80 1.14 7.57 7.18
N HIS A 81 0.34 6.59 6.70
CA HIS A 81 0.06 5.37 7.50
C HIS A 81 1.36 4.68 7.97
N ALA A 82 2.36 4.54 7.07
CA ALA A 82 3.64 3.85 7.37
C ALA A 82 4.46 4.59 8.41
N THR A 83 4.46 5.92 8.36
CA THR A 83 5.19 6.74 9.33
C THR A 83 4.64 6.54 10.75
N PHE A 84 3.30 6.52 10.91
CA PHE A 84 2.67 6.28 12.21
C PHE A 84 3.12 4.95 12.78
N THR A 85 3.01 3.90 11.96
CA THR A 85 3.39 2.55 12.40
C THR A 85 4.89 2.47 12.72
N SER A 86 5.71 3.16 11.91
CA SER A 86 7.15 3.20 12.11
C SER A 86 7.54 3.88 13.43
N ARG A 87 6.93 5.03 13.71
CA ARG A 87 7.18 5.75 14.95
C ARG A 87 6.72 4.93 16.15
N LEU A 88 5.59 4.19 16.03
CA LEU A 88 5.12 3.32 17.12
C LEU A 88 6.18 2.24 17.45
N LEU A 89 6.79 1.65 16.42
CA LEU A 89 7.82 0.61 16.60
C LEU A 89 9.14 1.12 17.21
N GLN A 90 9.56 2.32 16.81
CA GLN A 90 10.80 2.95 17.26
C GLN A 90 10.71 3.47 18.71
N PRO A 91 11.86 3.69 19.42
CA PRO A 91 11.77 4.14 20.81
C PRO A 91 11.14 5.53 21.01
N ILE A 92 10.99 6.33 19.94
CA ILE A 92 10.33 7.65 20.00
C ILE A 92 8.89 7.52 20.58
N ARG A 93 8.51 8.41 21.51
CA ARG A 93 7.18 8.37 22.10
C ARG A 93 6.19 9.05 21.14
N VAL A 94 5.11 8.36 20.80
CA VAL A 94 4.08 8.91 19.91
C VAL A 94 2.98 9.41 20.83
N PRO A 95 2.44 10.63 20.65
CA PRO A 95 1.37 11.10 21.53
C PRO A 95 0.17 10.13 21.54
N ASN A 96 -0.57 10.07 22.65
CA ASN A 96 -1.76 9.20 22.71
C ASN A 96 -2.98 10.01 22.19
N TYR A 97 -3.03 10.25 20.86
CA TYR A 97 -4.07 11.01 20.17
C TYR A 97 -5.50 10.71 20.63
N ASN A 98 -6.26 11.75 20.98
CA ASN A 98 -7.67 11.60 21.41
C ASN A 98 -8.58 11.24 20.22
N LEU A 99 -8.21 11.72 19.01
CA LEU A 99 -8.91 11.49 17.76
C LEU A 99 -7.92 10.99 16.67
N ASN A 100 -8.24 9.85 16.06
CA ASN A 100 -7.41 9.20 15.04
C ASN A 100 -8.21 9.11 13.75
N ILE A 101 -7.82 9.87 12.75
CA ILE A 101 -8.52 9.86 11.47
C ILE A 101 -7.67 9.16 10.42
N MET A 102 -8.18 8.07 9.82
CA MET A 102 -7.44 7.39 8.76
C MET A 102 -8.12 7.60 7.42
N ASP A 103 -7.48 8.32 6.49
CA ASP A 103 -8.02 8.43 5.14
C ASP A 103 -7.58 7.20 4.33
N GLU A 104 -8.45 6.75 3.38
CA GLU A 104 -8.25 5.56 2.53
C GLU A 104 -7.97 4.36 3.40
N ALA A 105 -8.84 4.20 4.42
CA ALA A 105 -8.72 3.17 5.43
C ALA A 105 -8.87 1.75 4.90
N HIS A 106 -9.03 1.56 3.58
CA HIS A 106 -9.08 0.22 3.01
C HIS A 106 -7.66 -0.35 2.65
N PHE A 107 -6.61 0.51 2.67
CA PHE A 107 -5.25 0.15 2.28
C PHE A 107 -4.77 -1.16 2.97
N THR A 108 -4.41 -2.18 2.14
CA THR A 108 -4.02 -3.49 2.68
C THR A 108 -2.52 -3.71 2.90
N ASP A 109 -1.67 -2.66 2.83
CA ASP A 109 -0.25 -2.86 3.14
C ASP A 109 -0.09 -3.16 4.63
N PRO A 110 0.91 -3.99 5.01
CA PRO A 110 1.06 -4.38 6.42
C PRO A 110 1.01 -3.25 7.44
N SER A 111 1.67 -2.12 7.16
CA SER A 111 1.68 -0.99 8.07
C SER A 111 0.32 -0.32 8.25
N SER A 112 -0.55 -0.36 7.21
CA SER A 112 -1.89 0.21 7.32
C SER A 112 -2.77 -0.70 8.17
N ILE A 113 -2.68 -2.02 7.94
CA ILE A 113 -3.43 -3.01 8.73
C ILE A 113 -3.02 -2.90 10.22
N ALA A 114 -1.68 -2.79 10.50
CA ALA A 114 -1.20 -2.67 11.88
C ALA A 114 -1.73 -1.35 12.50
N ALA A 115 -1.68 -0.22 11.76
CA ALA A 115 -2.20 1.07 12.27
C ALA A 115 -3.71 0.91 12.68
N ARG A 116 -4.55 0.29 11.81
CA ARG A 116 -5.96 0.03 12.12
C ARG A 116 -6.12 -0.81 13.38
N GLY A 117 -5.25 -1.81 13.54
CA GLY A 117 -5.28 -2.68 14.71
C GLY A 117 -5.03 -1.93 16.02
N TYR A 118 -3.96 -1.14 16.05
CA TYR A 118 -3.56 -0.33 17.19
C TYR A 118 -4.64 0.67 17.57
N ILE A 119 -5.16 1.44 16.58
CA ILE A 119 -6.16 2.46 16.80
C ILE A 119 -7.48 1.86 17.30
N SER A 120 -7.99 0.80 16.62
CA SER A 120 -9.24 0.19 17.05
C SER A 120 -9.13 -0.43 18.45
N THR A 121 -7.92 -0.89 18.85
CA THR A 121 -7.71 -1.43 20.19
C THR A 121 -7.80 -0.30 21.23
N ARG A 122 -7.16 0.86 20.97
CA ARG A 122 -7.24 2.01 21.85
C ARG A 122 -8.70 2.47 22.00
N VAL A 123 -9.48 2.45 20.92
CA VAL A 123 -10.90 2.78 20.97
C VAL A 123 -11.68 1.75 21.83
N GLU A 124 -11.45 0.45 21.61
CA GLU A 124 -12.05 -0.64 22.39
C GLU A 124 -11.75 -0.52 23.90
N MET A 125 -10.52 -0.09 24.26
CA MET A 125 -10.11 0.16 25.65
C MET A 125 -10.77 1.42 26.26
N GLY A 126 -11.47 2.22 25.45
CA GLY A 126 -12.12 3.46 25.87
C GLY A 126 -11.18 4.65 25.97
N GLU A 127 -10.01 4.58 25.34
CA GLU A 127 -9.01 5.64 25.44
C GLU A 127 -9.08 6.71 24.36
N ALA A 128 -9.74 6.42 23.22
CA ALA A 128 -9.72 7.34 22.09
C ALA A 128 -10.93 7.16 21.16
N ALA A 129 -11.15 8.12 20.25
CA ALA A 129 -12.14 8.04 19.20
C ALA A 129 -11.35 7.81 17.87
N ALA A 130 -12.04 7.32 16.85
CA ALA A 130 -11.42 7.09 15.57
C ALA A 130 -12.43 7.21 14.46
N ILE A 131 -11.95 7.72 13.30
CA ILE A 131 -12.72 7.81 12.09
C ILE A 131 -11.93 7.12 10.93
N PHE A 132 -12.53 6.07 10.32
CA PHE A 132 -11.90 5.38 9.19
C PHE A 132 -12.66 5.82 7.95
N MET A 133 -12.01 6.55 7.04
CA MET A 133 -12.63 7.05 5.83
C MET A 133 -12.30 6.15 4.65
N THR A 134 -13.33 5.49 4.10
CA THR A 134 -13.25 4.68 2.90
C THR A 134 -14.62 4.34 2.34
N ALA A 135 -14.73 4.38 1.03
CA ALA A 135 -15.92 3.92 0.33
C ALA A 135 -16.07 2.39 0.44
N THR A 136 -14.96 1.64 0.69
CA THR A 136 -14.93 0.19 0.70
C THR A 136 -14.39 -0.40 2.01
N PRO A 137 -15.21 -0.45 3.06
CA PRO A 137 -14.75 -1.04 4.34
C PRO A 137 -14.39 -2.52 4.22
N PRO A 138 -13.60 -3.09 5.16
CA PRO A 138 -13.25 -4.51 5.04
C PRO A 138 -14.46 -5.41 4.98
N GLY A 139 -14.48 -6.32 4.01
CA GLY A 139 -15.61 -7.22 3.83
C GLY A 139 -16.71 -6.72 2.90
N THR A 140 -16.47 -5.62 2.19
CA THR A 140 -17.48 -5.12 1.24
C THR A 140 -17.63 -6.12 0.09
N ARG A 141 -18.87 -6.35 -0.34
CA ARG A 141 -19.20 -7.29 -1.39
C ARG A 141 -19.76 -6.62 -2.64
N ASP A 142 -19.74 -5.28 -2.73
CA ASP A 142 -20.25 -4.57 -3.89
C ASP A 142 -19.09 -3.93 -4.65
N ALA A 143 -18.80 -4.45 -5.83
CA ALA A 143 -17.77 -3.92 -6.71
C ALA A 143 -18.31 -2.75 -7.58
N PHE A 144 -19.62 -2.47 -7.58
CA PHE A 144 -20.19 -1.39 -8.39
C PHE A 144 -20.96 -0.34 -7.54
N PRO A 145 -20.28 0.40 -6.66
CA PRO A 145 -21.00 1.39 -5.84
C PRO A 145 -21.43 2.65 -6.59
N ASP A 146 -22.07 3.59 -5.89
CA ASP A 146 -22.53 4.84 -6.51
C ASP A 146 -21.32 5.68 -7.00
N SER A 147 -21.59 6.64 -7.88
CA SER A 147 -20.58 7.53 -8.39
C SER A 147 -21.20 8.93 -8.67
N ASN A 148 -20.37 9.96 -8.85
CA ASN A 148 -20.87 11.33 -9.14
C ASN A 148 -21.61 11.41 -10.48
N SER A 149 -21.26 10.55 -11.44
CA SER A 149 -21.97 10.50 -12.72
C SER A 149 -22.01 9.04 -13.23
N PRO A 150 -23.01 8.68 -14.07
CA PRO A 150 -23.13 7.28 -14.50
C PRO A 150 -21.91 6.76 -15.22
N ILE A 151 -21.60 5.47 -15.01
CA ILE A 151 -20.49 4.77 -15.62
C ILE A 151 -21.02 3.65 -16.51
N MET A 152 -20.41 3.42 -17.68
CA MET A 152 -20.81 2.31 -18.54
C MET A 152 -19.94 1.13 -18.12
N ASP A 153 -20.51 0.12 -17.49
CA ASP A 153 -19.75 -1.07 -17.02
C ASP A 153 -19.82 -2.16 -18.11
N THR A 154 -18.68 -2.73 -18.53
CA THR A 154 -18.65 -3.75 -19.59
C THR A 154 -17.69 -4.87 -19.24
N GLU A 155 -18.21 -6.11 -19.15
CA GLU A 155 -17.36 -7.27 -18.90
C GLU A 155 -16.75 -7.63 -20.25
N VAL A 156 -15.43 -7.56 -20.37
CA VAL A 156 -14.75 -7.88 -21.62
C VAL A 156 -13.41 -8.57 -21.37
N GLU A 157 -12.93 -9.43 -22.32
CA GLU A 157 -11.59 -10.01 -22.25
C GLU A 157 -10.55 -8.88 -22.38
N VAL A 158 -9.67 -8.76 -21.41
CA VAL A 158 -8.63 -7.73 -21.34
C VAL A 158 -7.26 -8.37 -21.58
N PRO A 159 -6.46 -7.83 -22.51
CA PRO A 159 -5.13 -8.40 -22.74
C PRO A 159 -4.23 -8.26 -21.52
N GLU A 160 -3.48 -9.30 -21.23
CA GLU A 160 -2.47 -9.28 -20.17
C GLU A 160 -1.05 -9.50 -20.76
N ARG A 161 -0.92 -9.49 -22.08
CA ARG A 161 0.34 -9.65 -22.82
C ARG A 161 0.25 -8.72 -24.03
N ALA A 162 1.37 -8.53 -24.75
CA ALA A 162 1.36 -7.79 -26.00
C ALA A 162 0.43 -8.51 -26.99
N TRP A 163 -0.20 -7.76 -27.91
CA TRP A 163 -1.14 -8.35 -28.85
C TRP A 163 -0.96 -7.77 -30.24
N SER A 164 -1.30 -8.54 -31.27
CA SER A 164 -1.26 -8.07 -32.64
C SER A 164 -2.67 -7.80 -33.18
N SER A 165 -3.68 -8.50 -32.64
CA SER A 165 -5.04 -8.36 -33.13
C SER A 165 -6.08 -8.86 -32.10
N GLY A 166 -7.34 -8.50 -32.32
CA GLY A 166 -8.42 -8.96 -31.46
C GLY A 166 -8.85 -8.00 -30.36
N PHE A 167 -8.17 -6.86 -30.21
CA PHE A 167 -8.53 -5.90 -29.15
C PHE A 167 -8.58 -4.45 -29.69
N ASP A 168 -9.20 -4.25 -30.86
CA ASP A 168 -9.27 -2.92 -31.47
C ASP A 168 -9.83 -1.84 -30.54
N TRP A 169 -10.82 -2.20 -29.66
CA TRP A 169 -11.45 -1.26 -28.72
C TRP A 169 -10.45 -0.55 -27.80
N VAL A 170 -9.35 -1.24 -27.45
CA VAL A 170 -8.32 -0.68 -26.57
C VAL A 170 -7.63 0.55 -27.19
N THR A 171 -7.15 0.42 -28.44
CA THR A 171 -6.40 1.48 -29.12
C THR A 171 -7.27 2.43 -29.93
N ASP A 172 -8.51 2.06 -30.25
CA ASP A 172 -9.41 2.92 -31.02
C ASP A 172 -9.93 4.14 -30.24
N HIS A 173 -9.84 4.11 -28.94
CA HIS A 173 -10.28 5.16 -28.02
C HIS A 173 -9.47 6.45 -28.18
N SER A 174 -10.15 7.59 -28.15
CA SER A 174 -9.46 8.88 -28.30
C SER A 174 -9.35 9.68 -27.00
N GLY A 175 -9.58 9.05 -25.85
CA GLY A 175 -9.51 9.75 -24.57
C GLY A 175 -8.34 9.31 -23.73
N LYS A 176 -8.47 9.39 -22.40
CA LYS A 176 -7.40 8.98 -21.48
C LYS A 176 -7.86 7.75 -20.67
N THR A 177 -6.99 6.72 -20.59
CA THR A 177 -7.29 5.45 -19.93
C THR A 177 -6.35 5.16 -18.79
N VAL A 178 -6.89 4.67 -17.67
CA VAL A 178 -6.09 4.18 -16.55
C VAL A 178 -6.28 2.66 -16.58
N TRP A 179 -5.18 1.92 -16.65
CA TRP A 179 -5.24 0.46 -16.81
C TRP A 179 -4.53 -0.19 -15.64
N PHE A 180 -5.28 -1.00 -14.88
CA PHE A 180 -4.73 -1.69 -13.72
C PHE A 180 -4.27 -3.07 -14.13
N VAL A 181 -2.98 -3.33 -13.94
CA VAL A 181 -2.33 -4.60 -14.25
C VAL A 181 -1.92 -5.31 -12.94
N PRO A 182 -1.74 -6.64 -12.96
CA PRO A 182 -1.37 -7.36 -11.71
C PRO A 182 0.06 -7.17 -11.21
N SER A 183 0.99 -6.71 -12.08
CA SER A 183 2.39 -6.54 -11.64
C SER A 183 3.17 -5.55 -12.52
N VAL A 184 4.30 -5.05 -11.99
CA VAL A 184 5.21 -4.15 -12.72
C VAL A 184 5.64 -4.81 -14.07
N ARG A 185 6.11 -6.07 -14.02
CA ARG A 185 6.56 -6.82 -15.21
C ARG A 185 5.46 -6.96 -16.26
N ASN A 186 4.21 -7.20 -15.85
CA ASN A 186 3.10 -7.31 -16.82
CA ASN A 186 3.06 -7.31 -16.76
C ASN A 186 2.78 -5.93 -17.40
N GLY A 187 2.84 -4.89 -16.57
CA GLY A 187 2.60 -3.54 -17.08
C GLY A 187 3.66 -3.10 -18.07
N ASN A 188 4.95 -3.52 -17.88
CA ASN A 188 6.08 -3.19 -18.79
C ASN A 188 5.78 -3.71 -20.21
N GLU A 189 5.27 -4.95 -20.32
CA GLU A 189 4.92 -5.57 -21.62
C GLU A 189 3.77 -4.88 -22.33
N ILE A 190 2.70 -4.54 -21.59
CA ILE A 190 1.57 -3.82 -22.17
C ILE A 190 1.99 -2.42 -22.55
N ALA A 191 2.78 -1.76 -21.69
CA ALA A 191 3.25 -0.38 -21.98
C ALA A 191 4.04 -0.32 -23.29
N ALA A 192 4.93 -1.30 -23.51
CA ALA A 192 5.75 -1.44 -24.71
C ALA A 192 4.87 -1.66 -25.94
N CYS A 193 3.84 -2.52 -25.83
CA CYS A 193 2.91 -2.78 -26.92
C CYS A 193 2.18 -1.50 -27.32
N LEU A 194 1.68 -0.74 -26.32
CA LEU A 194 0.96 0.53 -26.58
C LEU A 194 1.89 1.60 -27.14
N THR A 195 3.12 1.72 -26.62
CA THR A 195 4.11 2.68 -27.13
C THR A 195 4.43 2.37 -28.59
N LYS A 196 4.64 1.09 -28.92
CA LYS A 196 4.90 0.69 -30.31
C LYS A 196 3.74 1.08 -31.24
N ALA A 197 2.51 1.09 -30.72
CA ALA A 197 1.33 1.47 -31.50
C ALA A 197 1.10 3.00 -31.59
N GLY A 198 2.00 3.80 -31.01
CA GLY A 198 1.89 5.26 -31.08
C GLY A 198 1.26 5.93 -29.87
N LYS A 199 1.05 5.20 -28.77
CA LYS A 199 0.43 5.81 -27.57
C LYS A 199 1.47 6.35 -26.58
N ARG A 200 1.14 7.43 -25.86
CA ARG A 200 2.02 7.98 -24.82
C ARG A 200 1.59 7.34 -23.51
N VAL A 201 2.51 6.62 -22.89
CA VAL A 201 2.21 5.84 -21.71
C VAL A 201 3.04 6.27 -20.52
N ILE A 202 2.40 6.37 -19.33
CA ILE A 202 3.07 6.61 -18.05
C ILE A 202 2.86 5.32 -17.23
N GLN A 203 3.89 4.85 -16.50
CA GLN A 203 3.76 3.67 -15.67
C GLN A 203 3.92 4.05 -14.20
N LEU A 204 3.05 3.52 -13.32
CA LEU A 204 3.08 3.79 -11.90
C LEU A 204 3.17 2.49 -11.14
N SER A 205 3.94 2.51 -10.06
CA SER A 205 4.07 1.41 -9.11
C SER A 205 4.47 2.00 -7.74
N ARG A 206 4.45 1.19 -6.67
CA ARG A 206 4.81 1.68 -5.33
C ARG A 206 6.12 2.49 -5.27
N LYS A 207 7.20 1.98 -5.85
CA LYS A 207 8.50 2.64 -5.80
C LYS A 207 8.62 3.91 -6.60
N THR A 208 7.94 4.00 -7.75
CA THR A 208 8.06 5.17 -8.62
C THR A 208 6.92 6.18 -8.51
N PHE A 209 5.89 5.86 -7.71
CA PHE A 209 4.65 6.62 -7.57
C PHE A 209 4.80 8.16 -7.50
N GLU A 210 5.51 8.74 -6.50
CA GLU A 210 5.59 10.21 -6.39
C GLU A 210 6.18 10.90 -7.61
N THR A 211 7.30 10.37 -8.14
CA THR A 211 7.93 10.97 -9.31
C THR A 211 7.07 10.85 -10.57
N GLU A 212 6.62 9.63 -10.90
CA GLU A 212 5.85 9.40 -12.11
C GLU A 212 4.43 9.97 -12.08
N PHE A 213 3.83 10.11 -10.88
CA PHE A 213 2.48 10.67 -10.78
C PHE A 213 2.46 12.13 -11.25
N GLN A 214 3.55 12.89 -10.97
CA GLN A 214 3.65 14.28 -11.39
C GLN A 214 3.47 14.44 -12.91
N LYS A 215 3.92 13.43 -13.69
CA LYS A 215 3.82 13.40 -15.15
C LYS A 215 2.38 13.35 -15.65
N THR A 216 1.44 12.81 -14.85
CA THR A 216 0.02 12.79 -15.21
C THR A 216 -0.58 14.19 -15.22
N LYS A 217 0.04 15.16 -14.50
CA LYS A 217 -0.39 16.55 -14.44
C LYS A 217 0.49 17.43 -15.36
N ASN A 218 1.79 17.13 -15.46
CA ASN A 218 2.76 17.90 -16.23
C ASN A 218 2.75 17.66 -17.75
N GLN A 219 2.19 16.54 -18.23
CA GLN A 219 2.21 16.28 -19.67
C GLN A 219 0.97 15.55 -20.18
N GLU A 220 0.75 15.64 -21.51
CA GLU A 220 -0.34 14.97 -22.18
C GLU A 220 -0.02 13.47 -22.25
N TRP A 221 -1.00 12.62 -21.93
CA TRP A 221 -0.83 11.18 -21.97
C TRP A 221 -2.09 10.53 -22.54
N ASP A 222 -1.96 9.29 -23.01
CA ASP A 222 -3.06 8.49 -23.53
C ASP A 222 -3.39 7.37 -22.51
N PHE A 223 -2.35 6.74 -21.94
CA PHE A 223 -2.54 5.65 -20.99
C PHE A 223 -1.69 5.84 -19.77
N VAL A 224 -2.23 5.40 -18.63
CA VAL A 224 -1.54 5.28 -17.36
C VAL A 224 -1.62 3.76 -17.05
N ILE A 225 -0.50 3.09 -16.94
CA ILE A 225 -0.46 1.66 -16.61
C ILE A 225 -0.03 1.64 -15.18
N THR A 226 -0.85 1.08 -14.29
CA THR A 226 -0.56 1.09 -12.88
C THR A 226 -0.83 -0.21 -12.15
N THR A 227 -0.10 -0.41 -11.05
CA THR A 227 -0.37 -1.51 -10.16
C THR A 227 -1.54 -1.04 -9.21
N ASP A 228 -1.90 -1.86 -8.23
CA ASP A 228 -2.95 -1.57 -7.27
C ASP A 228 -2.69 -0.36 -6.38
N ILE A 229 -1.49 0.28 -6.44
CA ILE A 229 -1.21 1.47 -5.59
C ILE A 229 -2.15 2.64 -5.94
N SER A 230 -2.61 2.70 -7.19
CA SER A 230 -3.53 3.77 -7.59
C SER A 230 -4.95 3.62 -7.04
N GLU A 231 -5.25 2.51 -6.30
CA GLU A 231 -6.55 2.37 -5.62
C GLU A 231 -6.62 3.29 -4.37
N MET A 232 -5.47 3.87 -3.92
CA MET A 232 -5.40 4.64 -2.69
C MET A 232 -5.44 6.15 -2.89
N GLY A 233 -6.54 6.64 -3.42
CA GLY A 233 -6.75 8.09 -3.55
C GLY A 233 -6.06 8.79 -4.70
N ALA A 234 -5.53 8.03 -5.68
CA ALA A 234 -4.89 8.64 -6.85
C ALA A 234 -5.97 9.19 -7.76
N ASN A 235 -5.98 10.50 -8.01
CA ASN A 235 -6.98 11.14 -8.87
C ASN A 235 -6.43 11.42 -10.27
N PHE A 236 -7.21 11.05 -11.29
CA PHE A 236 -6.81 11.25 -12.67
C PHE A 236 -7.93 11.98 -13.41
N LYS A 237 -7.59 12.72 -14.47
CA LYS A 237 -8.63 13.36 -15.28
C LYS A 237 -8.76 12.39 -16.45
N ALA A 238 -9.43 11.26 -16.23
CA ALA A 238 -9.54 10.22 -17.26
C ALA A 238 -11.01 9.92 -17.65
N ASP A 239 -11.23 9.24 -18.78
CA ASP A 239 -12.61 8.86 -19.16
C ASP A 239 -12.82 7.35 -19.25
N ARG A 240 -11.78 6.55 -18.99
CA ARG A 240 -11.92 5.12 -19.08
C ARG A 240 -10.98 4.41 -18.11
N VAL A 241 -11.44 3.32 -17.53
CA VAL A 241 -10.60 2.46 -16.73
C VAL A 241 -10.66 1.09 -17.41
N ILE A 242 -9.51 0.48 -17.61
CA ILE A 242 -9.43 -0.88 -18.10
C ILE A 242 -8.91 -1.63 -16.88
N ASP A 243 -9.61 -2.68 -16.45
CA ASP A 243 -9.23 -3.40 -15.25
C ASP A 243 -9.07 -4.88 -15.53
N SER A 244 -7.84 -5.38 -15.45
CA SER A 244 -7.59 -6.81 -15.62
C SER A 244 -8.37 -7.63 -14.55
N ARG A 245 -8.71 -6.99 -13.39
CA ARG A 245 -9.36 -7.60 -12.22
C ARG A 245 -8.43 -8.63 -11.56
N ARG A 246 -7.09 -8.50 -11.77
CA ARG A 246 -6.12 -9.45 -11.21
C ARG A 246 -5.02 -8.77 -10.42
N CYS A 247 -4.44 -9.52 -9.50
CA CYS A 247 -3.41 -9.06 -8.59
C CYS A 247 -2.49 -10.21 -8.24
N LEU A 248 -1.30 -9.91 -7.71
CA LEU A 248 -0.41 -10.96 -7.19
C LEU A 248 -0.69 -11.04 -5.70
N LYS A 249 -0.55 -12.23 -5.13
CA LYS A 249 -0.81 -12.43 -3.73
C LYS A 249 0.42 -13.05 -3.04
N PRO A 250 1.07 -12.32 -2.13
CA PRO A 250 2.20 -12.94 -1.39
C PRO A 250 1.65 -14.02 -0.47
N VAL A 251 2.19 -15.24 -0.55
CA VAL A 251 1.75 -16.40 0.21
C VAL A 251 2.95 -17.05 0.96
N ILE A 252 2.84 -17.26 2.26
CA ILE A 252 3.89 -17.90 3.04
C ILE A 252 3.65 -19.43 2.94
N LEU A 253 4.60 -20.16 2.32
CA LEU A 253 4.52 -21.62 2.14
C LEU A 253 5.31 -22.32 3.22
N ASP A 254 4.67 -23.25 3.95
CA ASP A 254 5.30 -24.03 5.01
C ASP A 254 6.03 -23.22 6.09
N GLY A 255 5.66 -21.96 6.26
CA GLY A 255 6.32 -21.06 7.20
C GLY A 255 7.78 -20.81 6.88
N GLU A 256 8.25 -21.20 5.65
CA GLU A 256 9.68 -21.12 5.29
C GLU A 256 10.05 -20.25 4.09
N ARG A 257 9.07 -19.85 3.28
CA ARG A 257 9.34 -19.04 2.10
C ARG A 257 8.12 -18.24 1.72
N VAL A 258 8.31 -17.18 0.93
CA VAL A 258 7.19 -16.38 0.44
C VAL A 258 7.23 -16.42 -1.08
N ILE A 259 6.10 -16.75 -1.72
CA ILE A 259 5.99 -16.76 -3.16
C ILE A 259 4.92 -15.74 -3.61
N LEU A 260 5.02 -15.27 -4.84
CA LEU A 260 4.02 -14.35 -5.39
C LEU A 260 3.06 -15.19 -6.23
N ALA A 261 1.92 -15.57 -5.63
CA ALA A 261 0.95 -16.45 -6.24
C ALA A 261 0.03 -15.68 -7.16
N GLY A 262 -0.45 -16.37 -8.17
CA GLY A 262 -1.35 -15.75 -9.14
C GLY A 262 -0.67 -15.44 -10.46
N PRO A 263 -1.14 -14.42 -11.20
CA PRO A 263 -2.23 -13.48 -10.89
C PRO A 263 -3.55 -14.17 -10.57
N MET A 264 -4.27 -13.60 -9.61
CA MET A 264 -5.55 -14.10 -9.16
C MET A 264 -6.59 -12.97 -8.98
N PRO A 265 -7.89 -13.29 -8.81
CA PRO A 265 -8.89 -12.22 -8.74
C PRO A 265 -8.69 -11.21 -7.61
N VAL A 266 -9.02 -9.93 -7.89
CA VAL A 266 -8.96 -8.92 -6.85
C VAL A 266 -10.19 -9.07 -5.90
N THR A 267 -10.15 -8.40 -4.73
CA THR A 267 -11.31 -8.34 -3.84
C THR A 267 -12.33 -7.37 -4.46
N HIS A 268 -13.60 -7.42 -3.97
CA HIS A 268 -14.65 -6.48 -4.39
C HIS A 268 -14.23 -5.05 -4.05
N ALA A 269 -13.56 -4.86 -2.88
CA ALA A 269 -13.08 -3.54 -2.44
C ALA A 269 -12.09 -2.95 -3.47
N SER A 270 -11.11 -3.78 -3.93
CA SER A 270 -10.12 -3.34 -4.92
C SER A 270 -10.80 -3.02 -6.26
N ALA A 271 -11.74 -3.84 -6.70
CA ALA A 271 -12.46 -3.59 -7.97
C ALA A 271 -13.25 -2.31 -7.91
N ALA A 272 -13.94 -2.04 -6.78
CA ALA A 272 -14.73 -0.82 -6.64
C ALA A 272 -13.79 0.39 -6.63
N GLN A 273 -12.65 0.28 -5.97
CA GLN A 273 -11.66 1.37 -5.94
C GLN A 273 -11.06 1.67 -7.33
N ARG A 274 -10.79 0.61 -8.14
CA ARG A 274 -10.22 0.74 -9.49
C ARG A 274 -11.26 1.40 -10.38
N ARG A 275 -12.51 0.91 -10.31
CA ARG A 275 -13.61 1.52 -11.06
C ARG A 275 -13.84 2.97 -10.64
N GLY A 276 -13.68 3.25 -9.34
CA GLY A 276 -13.88 4.56 -8.71
C GLY A 276 -12.95 5.64 -9.19
N ARG A 277 -11.91 5.30 -10.00
CA ARG A 277 -11.05 6.34 -10.57
C ARG A 277 -11.84 7.18 -11.55
N ILE A 278 -12.90 6.63 -12.19
CA ILE A 278 -13.69 7.40 -13.15
C ILE A 278 -15.16 7.56 -12.66
N GLY A 279 -15.97 8.31 -13.42
CA GLY A 279 -17.34 8.65 -13.04
C GLY A 279 -17.37 9.71 -11.95
N ARG A 280 -16.24 10.41 -11.70
CA ARG A 280 -16.11 11.40 -10.65
C ARG A 280 -16.62 12.79 -11.00
N ASN A 281 -16.83 13.11 -12.28
CA ASN A 281 -17.27 14.44 -12.70
C ASN A 281 -18.74 14.39 -13.10
N PRO A 282 -19.63 15.02 -12.29
CA PRO A 282 -21.06 14.99 -12.61
C PRO A 282 -21.45 15.65 -13.95
N ASN A 283 -20.54 16.45 -14.53
CA ASN A 283 -20.74 17.06 -15.84
C ASN A 283 -20.25 16.19 -17.00
N LYS A 284 -19.56 15.06 -16.74
CA LYS A 284 -19.07 14.18 -17.80
C LYS A 284 -19.64 12.77 -17.59
N PRO A 285 -20.91 12.55 -17.93
CA PRO A 285 -21.47 11.20 -17.80
C PRO A 285 -20.90 10.27 -18.89
N GLY A 286 -21.01 8.98 -18.66
CA GLY A 286 -20.57 8.00 -19.64
C GLY A 286 -19.11 7.59 -19.66
N ASP A 287 -18.39 7.79 -18.54
CA ASP A 287 -17.01 7.26 -18.43
C ASP A 287 -17.12 5.71 -18.48
N GLU A 288 -16.14 5.03 -19.06
CA GLU A 288 -16.23 3.58 -19.25
C GLU A 288 -15.39 2.76 -18.27
N TYR A 289 -15.91 1.60 -17.85
CA TYR A 289 -15.17 0.68 -16.97
C TYR A 289 -15.19 -0.70 -17.62
N MET A 290 -14.07 -1.08 -18.22
CA MET A 290 -13.96 -2.38 -18.90
C MET A 290 -13.28 -3.33 -17.96
N TYR A 291 -13.92 -4.45 -17.60
CA TYR A 291 -13.32 -5.37 -16.63
C TYR A 291 -13.19 -6.80 -17.18
N GLY A 292 -12.06 -7.46 -16.87
CA GLY A 292 -11.71 -8.75 -17.47
C GLY A 292 -11.69 -10.00 -16.60
N GLY A 293 -12.50 -10.01 -15.56
CA GLY A 293 -12.57 -11.16 -14.63
C GLY A 293 -13.48 -10.85 -13.46
N GLY A 294 -13.75 -11.84 -12.64
CA GLY A 294 -14.59 -11.67 -11.46
C GLY A 294 -13.80 -11.32 -10.21
N CYS A 295 -14.50 -11.14 -9.07
CA CYS A 295 -13.85 -10.85 -7.79
C CYS A 295 -13.86 -12.08 -6.91
N ALA A 296 -12.92 -12.15 -5.98
CA ALA A 296 -12.84 -13.23 -5.01
C ALA A 296 -12.21 -12.73 -3.70
N GLU A 297 -12.43 -13.46 -2.60
CA GLU A 297 -11.86 -13.03 -1.33
CA GLU A 297 -11.89 -13.13 -1.29
C GLU A 297 -10.41 -13.53 -1.20
N THR A 298 -9.54 -12.90 -2.01
CA THR A 298 -8.10 -13.21 -2.06
C THR A 298 -7.28 -12.59 -0.94
N ASP A 299 -7.92 -11.81 -0.03
CA ASP A 299 -7.20 -11.31 1.14
C ASP A 299 -7.08 -12.36 2.24
N GLU A 300 -7.84 -13.47 2.17
CA GLU A 300 -7.74 -14.54 3.18
C GLU A 300 -6.46 -15.32 2.89
N GLY A 301 -5.59 -15.46 3.87
CA GLY A 301 -4.32 -16.16 3.72
C GLY A 301 -3.25 -15.34 3.01
N HIS A 302 -3.51 -14.04 2.75
CA HIS A 302 -2.57 -13.14 2.10
C HIS A 302 -1.51 -12.79 3.17
N ALA A 303 -0.21 -12.82 2.82
CA ALA A 303 0.89 -12.58 3.79
C ALA A 303 0.83 -11.23 4.53
N HIS A 304 0.24 -10.16 3.94
CA HIS A 304 0.17 -8.88 4.61
C HIS A 304 -0.50 -8.91 5.99
N TRP A 305 -1.51 -9.77 6.21
CA TRP A 305 -2.21 -9.86 7.49
C TRP A 305 -1.33 -10.54 8.54
N LEU A 306 -0.54 -11.52 8.14
CA LEU A 306 0.42 -12.18 9.02
C LEU A 306 1.53 -11.16 9.35
N GLU A 307 2.00 -10.41 8.34
CA GLU A 307 3.04 -9.38 8.57
C GLU A 307 2.53 -8.27 9.54
N ALA A 308 1.23 -7.90 9.44
CA ALA A 308 0.60 -6.92 10.35
C ALA A 308 0.65 -7.40 11.80
N ARG A 309 0.44 -8.71 12.02
CA ARG A 309 0.57 -9.30 13.35
C ARG A 309 2.02 -9.26 13.87
N MET A 310 3.02 -9.48 13.00
CA MET A 310 4.46 -9.38 13.37
C MET A 310 4.74 -7.94 13.84
N LEU A 311 4.16 -6.93 13.15
CA LEU A 311 4.37 -5.54 13.57
C LEU A 311 3.69 -5.23 14.92
N LEU A 312 2.38 -5.59 15.08
CA LEU A 312 1.59 -5.33 16.28
C LEU A 312 2.14 -6.05 17.50
N ASP A 313 2.70 -7.25 17.31
CA ASP A 313 3.34 -7.97 18.40
C ASP A 313 4.55 -7.26 18.97
N ASN A 314 5.15 -6.36 18.18
CA ASN A 314 6.35 -5.63 18.59
C ASN A 314 6.09 -4.14 18.87
N ILE A 315 4.82 -3.76 19.11
CA ILE A 315 4.46 -2.39 19.47
C ILE A 315 3.94 -2.40 20.92
N TYR A 316 4.50 -1.53 21.77
CA TYR A 316 4.04 -1.42 23.15
C TYR A 316 2.64 -0.80 23.21
N LEU A 317 1.75 -1.42 23.98
CA LEU A 317 0.40 -0.89 24.16
C LEU A 317 0.20 -0.49 25.64
N GLN A 318 0.35 -1.45 26.56
CA GLN A 318 0.21 -1.29 27.99
C GLN A 318 0.69 -2.60 28.62
N ASP A 319 1.75 -2.57 29.46
CA ASP A 319 2.36 -3.75 30.09
C ASP A 319 2.60 -4.90 29.05
N GLY A 320 2.06 -6.10 29.28
CA GLY A 320 2.24 -7.20 28.35
C GLY A 320 1.15 -7.32 27.30
N LEU A 321 0.17 -6.37 27.28
CA LEU A 321 -0.94 -6.38 26.32
C LEU A 321 -0.47 -6.09 24.90
N ILE A 322 -1.19 -6.68 23.94
CA ILE A 322 -0.87 -6.56 22.54
C ILE A 322 -2.12 -6.18 21.75
N ALA A 323 -1.99 -5.23 20.84
CA ALA A 323 -3.12 -4.80 20.02
C ALA A 323 -3.58 -5.91 19.08
N SER A 324 -4.90 -6.06 18.96
CA SER A 324 -5.52 -7.02 18.08
C SER A 324 -5.74 -6.36 16.72
N LEU A 325 -5.93 -7.16 15.66
CA LEU A 325 -6.32 -6.58 14.36
C LEU A 325 -7.73 -6.03 14.47
N TYR A 326 -8.07 -5.05 13.63
CA TYR A 326 -9.40 -4.46 13.52
C TYR A 326 -10.39 -5.60 13.25
N ARG A 327 -11.41 -5.72 14.11
CA ARG A 327 -12.35 -6.85 14.10
C ARG A 327 -12.82 -7.32 12.69
N PRO A 328 -13.29 -6.47 11.75
CA PRO A 328 -13.74 -7.01 10.45
C PRO A 328 -12.65 -7.67 9.59
N GLU A 329 -11.36 -7.42 9.87
CA GLU A 329 -10.30 -8.03 9.07
C GLU A 329 -9.41 -9.00 9.86
N ALA A 330 -9.80 -9.35 11.12
CA ALA A 330 -9.02 -10.22 12.00
C ALA A 330 -9.01 -11.72 11.61
N ASP A 331 -10.01 -12.20 10.86
CA ASP A 331 -10.04 -13.63 10.46
C ASP A 331 -9.22 -13.93 9.20
N LYS A 332 -8.62 -12.92 8.58
CA LYS A 332 -7.83 -13.09 7.37
C LYS A 332 -6.52 -13.84 7.60
N VAL A 333 -6.08 -13.97 8.86
CA VAL A 333 -4.85 -14.66 9.22
C VAL A 333 -5.10 -15.61 10.38
N ALA A 334 -4.40 -16.75 10.41
CA ALA A 334 -4.51 -17.68 11.52
C ALA A 334 -3.24 -17.49 12.34
N ALA A 335 -3.29 -16.68 13.41
CA ALA A 335 -2.09 -16.41 14.19
C ALA A 335 -2.41 -16.21 15.65
N ILE A 336 -1.46 -16.56 16.51
CA ILE A 336 -1.58 -16.38 17.94
C ILE A 336 -1.02 -14.99 18.31
N GLU A 337 -1.84 -14.12 18.95
CA GLU A 337 -1.35 -12.81 19.42
C GLU A 337 -0.17 -12.99 20.38
N GLY A 338 0.93 -12.33 20.06
CA GLY A 338 2.17 -12.43 20.83
C GLY A 338 3.19 -13.42 20.32
N GLU A 339 2.82 -14.33 19.36
CA GLU A 339 3.80 -15.33 18.90
C GLU A 339 5.04 -14.73 18.22
N PHE A 340 4.94 -13.48 17.69
CA PHE A 340 6.08 -12.83 17.04
C PHE A 340 6.78 -11.78 17.93
N LYS A 341 6.46 -11.74 19.22
CA LYS A 341 7.07 -10.78 20.13
C LYS A 341 8.57 -11.04 20.27
N LEU A 342 9.38 -10.03 19.98
CA LEU A 342 10.82 -10.16 20.06
C LEU A 342 11.40 -9.46 21.27
N ARG A 343 12.53 -9.96 21.77
CA ARG A 343 13.24 -9.28 22.86
C ARG A 343 13.84 -7.95 22.32
N THR A 344 14.08 -6.96 23.19
CA THR A 344 14.52 -5.60 22.82
C THR A 344 15.61 -5.57 21.70
N GLU A 345 16.68 -6.35 21.83
CA GLU A 345 17.75 -6.34 20.82
C GLU A 345 17.33 -6.88 19.45
N GLN A 346 16.70 -8.05 19.40
CA GLN A 346 16.21 -8.59 18.12
C GLN A 346 15.13 -7.68 17.53
N ARG A 347 14.35 -6.98 18.38
CA ARG A 347 13.31 -6.05 17.90
C ARG A 347 13.95 -4.89 17.18
N LYS A 348 15.05 -4.35 17.72
CA LYS A 348 15.79 -3.26 17.09
C LYS A 348 16.36 -3.71 15.74
N THR A 349 16.88 -4.93 15.66
CA THR A 349 17.37 -5.48 14.39
C THR A 349 16.18 -5.56 13.37
N PHE A 350 15.01 -6.08 13.85
CA PHE A 350 13.78 -6.22 13.06
C PHE A 350 13.38 -4.89 12.46
N VAL A 351 13.34 -3.84 13.29
CA VAL A 351 12.98 -2.48 12.82
C VAL A 351 13.98 -1.95 11.79
N GLU A 352 15.28 -2.05 12.10
CA GLU A 352 16.33 -1.57 11.19
C GLU A 352 16.36 -2.33 9.83
N LEU A 353 16.11 -3.64 9.81
CA LEU A 353 16.02 -4.39 8.53
C LEU A 353 14.85 -3.88 7.66
N MET A 354 13.75 -3.43 8.29
CA MET A 354 12.63 -2.88 7.51
C MET A 354 12.89 -1.44 7.10
N LYS A 355 13.32 -0.63 8.06
CA LYS A 355 13.50 0.81 7.83
C LYS A 355 14.72 1.16 6.97
N ARG A 356 15.88 0.64 7.32
CA ARG A 356 17.10 0.91 6.56
C ARG A 356 17.32 -0.18 5.49
N GLY A 357 17.12 -1.45 5.85
CA GLY A 357 17.33 -2.53 4.90
C GLY A 357 16.31 -2.60 3.77
N ASP A 358 15.11 -1.99 3.99
CA ASP A 358 13.99 -1.99 3.03
C ASP A 358 13.55 -3.42 2.70
N LEU A 359 13.66 -4.34 3.66
CA LEU A 359 13.23 -5.72 3.44
C LEU A 359 11.74 -5.86 3.75
N PRO A 360 11.07 -6.83 3.10
CA PRO A 360 9.69 -7.14 3.51
C PRO A 360 9.64 -7.53 4.99
N VAL A 361 8.50 -7.22 5.65
CA VAL A 361 8.30 -7.54 7.08
C VAL A 361 8.62 -9.03 7.40
N TRP A 362 8.06 -9.95 6.61
CA TRP A 362 8.29 -11.40 6.86
C TRP A 362 9.80 -11.74 6.83
N LEU A 363 10.53 -11.22 5.82
CA LEU A 363 11.96 -11.51 5.68
C LEU A 363 12.75 -10.90 6.82
N ALA A 364 12.44 -9.64 7.19
CA ALA A 364 13.08 -8.96 8.33
C ALA A 364 12.88 -9.75 9.63
N TYR A 365 11.67 -10.29 9.82
CA TYR A 365 11.38 -11.12 11.00
C TYR A 365 12.22 -12.39 11.03
N GLN A 366 12.33 -13.12 9.91
CA GLN A 366 13.15 -14.36 9.89
C GLN A 366 14.61 -14.08 10.28
N VAL A 367 15.18 -12.99 9.77
CA VAL A 367 16.59 -12.64 10.06
C VAL A 367 16.78 -12.23 11.54
N ALA A 368 15.97 -11.29 12.02
CA ALA A 368 16.01 -10.81 13.41
C ALA A 368 15.75 -11.93 14.44
N SER A 369 14.70 -12.77 14.22
CA SER A 369 14.40 -13.86 15.16
C SER A 369 15.49 -14.95 15.19
N ALA A 370 16.33 -15.04 14.15
CA ALA A 370 17.44 -15.99 14.12
C ALA A 370 18.69 -15.46 14.90
N GLY A 371 18.58 -14.30 15.55
CA GLY A 371 19.70 -13.72 16.29
C GLY A 371 20.81 -13.14 15.42
N ILE A 372 20.48 -12.80 14.18
CA ILE A 372 21.45 -12.22 13.26
C ILE A 372 21.41 -10.69 13.37
N THR A 373 22.57 -10.03 13.45
CA THR A 373 22.64 -8.57 13.52
C THR A 373 22.42 -7.92 12.15
N TYR A 374 21.98 -6.67 12.15
CA TYR A 374 21.65 -5.94 10.94
C TYR A 374 22.73 -6.00 9.82
N THR A 375 24.01 -5.72 10.14
CA THR A 375 25.07 -5.68 9.14
C THR A 375 25.62 -7.07 8.72
N ASP A 376 25.18 -8.15 9.39
CA ASP A 376 25.67 -9.49 9.07
C ASP A 376 24.89 -10.07 7.90
N ARG A 377 25.52 -10.10 6.69
CA ARG A 377 24.87 -10.52 5.45
C ARG A 377 25.23 -11.93 4.97
N ARG A 378 25.86 -12.75 5.84
CA ARG A 378 26.21 -14.12 5.47
C ARG A 378 24.98 -14.94 5.06
N TRP A 379 23.80 -14.67 5.65
CA TRP A 379 22.54 -15.37 5.29
C TRP A 379 22.12 -15.16 3.83
N CYS A 380 22.57 -14.06 3.17
CA CYS A 380 22.19 -13.83 1.75
C CYS A 380 22.83 -14.85 0.78
N PHE A 381 23.79 -15.66 1.26
CA PHE A 381 24.59 -16.57 0.44
C PHE A 381 24.59 -18.02 0.90
N ASP A 382 24.02 -18.33 2.08
CA ASP A 382 24.12 -19.72 2.59
C ASP A 382 22.82 -20.52 2.56
N GLY A 383 21.91 -20.17 1.66
CA GLY A 383 20.68 -20.92 1.49
C GLY A 383 20.87 -22.18 0.64
N THR A 384 19.80 -22.98 0.45
CA THR A 384 19.89 -24.16 -0.41
C THR A 384 19.93 -23.72 -1.90
N THR A 385 20.36 -24.63 -2.79
CA THR A 385 20.43 -24.35 -4.22
C THR A 385 19.08 -23.94 -4.81
N ASN A 386 17.96 -24.42 -4.22
CA ASN A 386 16.64 -24.04 -4.72
C ASN A 386 16.28 -22.56 -4.38
N ASN A 387 17.02 -21.92 -3.44
CA ASN A 387 16.85 -20.50 -3.11
C ASN A 387 17.71 -19.57 -3.98
N THR A 388 18.35 -20.09 -5.04
CA THR A 388 19.17 -19.29 -5.97
C THR A 388 18.32 -18.26 -6.68
N ILE A 389 18.69 -16.98 -6.58
CA ILE A 389 17.95 -15.91 -7.24
C ILE A 389 18.46 -15.77 -8.66
N MET A 390 17.56 -15.75 -9.64
CA MET A 390 17.95 -15.66 -11.04
C MET A 390 17.80 -14.29 -11.65
N GLU A 391 18.80 -13.87 -12.41
CA GLU A 391 18.75 -12.59 -13.13
CA GLU A 391 18.78 -12.59 -13.12
C GLU A 391 18.95 -12.92 -14.60
N ASP A 392 17.92 -12.71 -15.42
CA ASP A 392 17.97 -13.02 -16.85
C ASP A 392 18.37 -14.48 -17.12
N SER A 393 17.62 -15.43 -16.56
CA SER A 393 17.81 -16.88 -16.71
C SER A 393 19.16 -17.43 -16.24
N VAL A 394 19.96 -16.64 -15.53
CA VAL A 394 21.27 -17.09 -15.04
C VAL A 394 21.43 -16.67 -13.55
N PRO A 395 22.05 -17.48 -12.66
CA PRO A 395 22.15 -17.07 -11.24
C PRO A 395 22.70 -15.66 -11.01
N ALA A 396 22.05 -14.88 -10.15
CA ALA A 396 22.49 -13.51 -9.86
C ALA A 396 23.74 -13.54 -9.00
N GLU A 397 24.69 -12.65 -9.28
CA GLU A 397 25.95 -12.63 -8.54
C GLU A 397 26.23 -11.24 -7.97
N VAL A 398 26.87 -11.18 -6.79
CA VAL A 398 27.27 -9.91 -6.18
C VAL A 398 28.70 -10.05 -5.60
N TRP A 399 29.38 -8.92 -5.37
CA TRP A 399 30.64 -8.95 -4.66
C TRP A 399 30.25 -8.70 -3.22
N THR A 400 30.61 -9.61 -2.32
CA THR A 400 30.36 -9.41 -0.91
C THR A 400 31.21 -8.24 -0.38
N LYS A 401 30.87 -7.76 0.80
CA LYS A 401 31.60 -6.74 1.54
C LYS A 401 33.08 -7.17 1.79
N TYR A 402 33.40 -8.48 1.66
CA TYR A 402 34.76 -9.02 1.78
C TYR A 402 35.56 -8.99 0.45
N GLY A 403 34.88 -8.75 -0.67
CA GLY A 403 35.52 -8.71 -1.98
C GLY A 403 35.41 -10.02 -2.76
N GLU A 404 34.53 -10.92 -2.33
CA GLU A 404 34.35 -12.22 -2.99
C GLU A 404 33.10 -12.23 -3.88
N LYS A 405 33.20 -12.77 -5.11
CA LYS A 405 32.05 -12.87 -6.01
C LYS A 405 31.28 -14.11 -5.60
N ARG A 406 30.00 -13.94 -5.23
CA ARG A 406 29.17 -15.04 -4.79
C ARG A 406 27.79 -15.01 -5.43
N VAL A 407 27.18 -16.18 -5.54
CA VAL A 407 25.82 -16.33 -6.06
C VAL A 407 24.85 -15.97 -4.94
N LEU A 408 23.88 -15.15 -5.27
CA LEU A 408 22.83 -14.73 -4.36
C LEU A 408 21.90 -15.94 -4.09
N LYS A 409 21.94 -16.45 -2.87
CA LYS A 409 21.22 -17.66 -2.49
C LYS A 409 20.77 -17.50 -1.02
N PRO A 410 19.74 -16.67 -0.76
CA PRO A 410 19.37 -16.39 0.64
C PRO A 410 18.85 -17.58 1.43
N ARG A 411 19.18 -17.63 2.74
CA ARG A 411 18.71 -18.68 3.65
C ARG A 411 17.15 -18.72 3.71
N TRP A 412 16.50 -17.55 3.57
CA TRP A 412 15.04 -17.43 3.51
C TRP A 412 14.74 -16.75 2.19
N MET A 413 13.85 -17.35 1.40
CA MET A 413 13.51 -16.83 0.11
C MET A 413 12.17 -16.08 0.15
N ASP A 414 12.19 -14.82 -0.22
CA ASP A 414 10.99 -14.01 -0.30
C ASP A 414 10.95 -13.42 -1.73
N ALA A 415 10.02 -13.90 -2.57
CA ALA A 415 9.86 -13.52 -3.98
C ALA A 415 9.79 -12.01 -4.20
N ARG A 416 9.42 -11.25 -3.17
CA ARG A 416 9.32 -9.79 -3.30
C ARG A 416 10.67 -9.10 -3.45
N VAL A 417 11.79 -9.74 -3.01
CA VAL A 417 13.10 -9.12 -3.17
C VAL A 417 13.62 -9.17 -4.61
N CYS A 418 12.95 -9.88 -5.52
CA CYS A 418 13.39 -9.99 -6.90
C CYS A 418 12.19 -10.06 -7.87
N SER A 419 11.07 -9.38 -7.56
CA SER A 419 9.86 -9.45 -8.40
C SER A 419 9.89 -8.57 -9.67
N ASP A 420 10.88 -7.66 -9.73
CA ASP A 420 11.16 -6.79 -10.86
C ASP A 420 12.65 -6.37 -10.82
N HIS A 421 13.18 -5.73 -11.90
CA HIS A 421 14.57 -5.28 -11.97
C HIS A 421 14.95 -4.38 -10.79
N ALA A 422 14.07 -3.41 -10.45
CA ALA A 422 14.34 -2.49 -9.34
C ALA A 422 14.50 -3.22 -7.97
N ALA A 423 13.57 -4.13 -7.65
CA ALA A 423 13.64 -4.87 -6.39
C ALA A 423 14.93 -5.71 -6.32
N LEU A 424 15.28 -6.46 -7.39
CA LEU A 424 16.50 -7.30 -7.39
C LEU A 424 17.77 -6.44 -7.24
N LYS A 425 17.79 -5.27 -7.88
CA LYS A 425 18.91 -4.35 -7.78
C LYS A 425 19.10 -3.87 -6.33
N SER A 426 17.99 -3.55 -5.63
CA SER A 426 18.04 -3.10 -4.22
C SER A 426 18.47 -4.28 -3.33
N PHE A 427 18.01 -5.50 -3.64
CA PHE A 427 18.42 -6.66 -2.83
C PHE A 427 19.91 -7.00 -3.00
N LYS A 428 20.44 -6.85 -4.22
CA LYS A 428 21.86 -7.06 -4.53
C LYS A 428 22.72 -6.08 -3.73
N GLU A 429 22.30 -4.82 -3.65
CA GLU A 429 22.96 -3.77 -2.86
C GLU A 429 22.99 -4.12 -1.36
N PHE A 430 21.87 -4.67 -0.83
CA PHE A 430 21.78 -5.11 0.57
C PHE A 430 22.71 -6.31 0.81
N ALA A 431 22.66 -7.34 -0.07
CA ALA A 431 23.53 -8.52 0.09
C ALA A 431 25.04 -8.16 0.06
N ALA A 432 25.37 -7.08 -0.67
CA ALA A 432 26.75 -6.59 -0.78
C ALA A 432 27.22 -5.71 0.41
N GLY A 433 26.33 -5.42 1.36
CA GLY A 433 26.61 -4.58 2.52
C GLY A 433 26.62 -3.10 2.17
N LYS A 434 25.91 -2.69 1.13
CA LYS A 434 25.92 -1.30 0.69
C LYS A 434 24.90 -0.37 1.41
N ARG A 435 24.12 -0.91 2.34
CA ARG A 435 23.22 -0.12 3.19
C ARG A 435 22.86 -0.86 4.48
#